data_8QPX
#
_entry.id   8QPX
#
_cell.length_a   40.910
_cell.length_b   32.730
_cell.length_c   92.050
_cell.angle_alpha   90.000
_cell.angle_beta   90.820
_cell.angle_gamma   90.000
#
_symmetry.space_group_name_H-M   'P 1 21 1'
#
loop_
_entity.id
_entity.type
_entity.pdbx_description
1 polymer 'Receptor tyrosine kinase (Fragment)'
2 branched alpha-D-mannopyranose-(1-3)-[alpha-D-mannopyranose-(1-6)]beta-D-mannopyranose-(1-4)-2-acetamido-2-deoxy-beta-D-glucopyranose-(1-4)-[alpha-L-fucopyranose-(1-6)]2-acetamido-2-deoxy-beta-D-glucopyranose
3 non-polymer 2-acetamido-2-deoxy-beta-D-glucopyranose
4 non-polymer 1,2-ETHANEDIOL
5 non-polymer 'SULFATE ION'
6 water water
#
_entity_poly.entity_id   1
_entity_poly.type   'polypeptide(L)'
_entity_poly.pdbx_seq_one_letter_code
;GPTPPFLALSSPPRTGLPVSPDLSQPHSVTLTCSAASPPARGYQYQWQWRRNGTLLSNTHTRFSITPSTNTHSSSLVISG
LRYSDAGDYMCTVEYGACPDGVDCNGTTPVTGTIHLELPLIVEVDSSGLVVREGSEVIVLTCEVYGYPRDSSPPMWSSPG
RNLESGRFNITPRYTGTLSNGSVSSSDKVALSQLTIFNITVADEGEYKCSVDGESASFRVDLGGSNSSGSNS
;
_entity_poly.pdbx_strand_id   A
#
loop_
_chem_comp.id
_chem_comp.type
_chem_comp.name
_chem_comp.formula
BMA D-saccharide, beta linking beta-D-mannopyranose 'C6 H12 O6'
EDO non-polymer 1,2-ETHANEDIOL 'C2 H6 O2'
FUC L-saccharide, alpha linking alpha-L-fucopyranose 'C6 H12 O5'
MAN D-saccharide, alpha linking alpha-D-mannopyranose 'C6 H12 O6'
NAG D-saccharide, beta linking 2-acetamido-2-deoxy-beta-D-glucopyranose 'C8 H15 N O6'
SO4 non-polymer 'SULFATE ION' 'O4 S -2'
#
# COMPACT_ATOMS: atom_id res chain seq x y z
N PRO A 5 32.19 4.71 -26.96
CA PRO A 5 31.67 5.60 -25.91
C PRO A 5 31.04 4.82 -24.76
N PHE A 6 31.46 5.11 -23.53
CA PHE A 6 30.94 4.41 -22.37
C PHE A 6 29.46 4.69 -22.17
N LEU A 7 28.71 3.63 -21.89
CA LEU A 7 27.27 3.73 -21.65
C LEU A 7 27.01 3.78 -20.15
N ALA A 8 26.24 4.76 -19.71
CA ALA A 8 25.92 4.94 -18.30
C ALA A 8 24.46 5.37 -18.18
N LEU A 9 23.91 5.18 -16.98
CA LEU A 9 22.53 5.52 -16.68
C LEU A 9 22.50 6.70 -15.71
N SER A 10 21.80 7.77 -16.11
CA SER A 10 21.58 8.91 -15.23
C SER A 10 20.36 8.74 -14.33
N SER A 11 19.48 7.77 -14.65
CA SER A 11 18.31 7.49 -13.85
C SER A 11 17.86 6.06 -14.17
N PRO A 12 17.39 5.29 -13.19
CA PRO A 12 17.21 5.63 -11.78
C PRO A 12 18.54 5.60 -11.02
N PRO A 13 18.61 6.23 -9.85
CA PRO A 13 19.85 6.18 -9.07
C PRO A 13 20.14 4.76 -8.61
N ARG A 14 21.43 4.44 -8.50
CA ARG A 14 21.85 3.13 -8.03
C ARG A 14 21.56 3.01 -6.54
N THR A 15 20.59 2.16 -6.20
CA THR A 15 20.18 2.00 -4.81
C THR A 15 19.50 0.65 -4.64
N GLY A 16 19.66 0.08 -3.45
CA GLY A 16 18.92 -1.09 -3.04
C GLY A 16 17.70 -0.81 -2.20
N LEU A 17 17.37 0.46 -1.99
CA LEU A 17 16.22 0.82 -1.16
C LEU A 17 14.91 0.42 -1.83
N PRO A 18 13.89 0.11 -1.05
CA PRO A 18 12.57 -0.17 -1.64
C PRO A 18 12.00 1.07 -2.32
N VAL A 19 11.22 0.83 -3.36
CA VAL A 19 10.57 1.88 -4.14
C VAL A 19 9.08 1.59 -4.17
N SER A 20 8.27 2.59 -3.80
CA SER A 20 6.84 2.40 -3.78
C SER A 20 6.15 3.50 -4.58
N PRO A 21 5.05 3.17 -5.26
CA PRO A 21 4.29 4.20 -5.96
C PRO A 21 3.59 5.13 -4.97
N ASP A 22 3.31 6.34 -5.43
CA ASP A 22 2.57 7.29 -4.60
C ASP A 22 1.16 6.76 -4.37
N LEU A 23 0.80 6.61 -3.10
CA LEU A 23 -0.46 5.95 -2.75
C LEU A 23 -1.68 6.81 -3.03
N SER A 24 -1.51 8.09 -3.33
CA SER A 24 -2.65 8.90 -3.75
C SER A 24 -3.17 8.46 -5.11
N GLN A 25 -2.29 8.01 -6.01
CA GLN A 25 -2.67 7.46 -7.30
C GLN A 25 -1.97 6.11 -7.47
N PRO A 26 -2.45 5.08 -6.77
CA PRO A 26 -1.74 3.79 -6.74
C PRO A 26 -2.09 2.82 -7.85
N HIS A 27 -3.01 3.17 -8.75
CA HIS A 27 -3.45 2.22 -9.78
C HIS A 27 -2.41 2.01 -10.86
N SER A 28 -1.47 2.94 -11.04
CA SER A 28 -0.45 2.82 -12.06
C SER A 28 0.86 3.42 -11.56
N VAL A 29 1.96 2.93 -12.12
CA VAL A 29 3.30 3.44 -11.81
C VAL A 29 4.11 3.48 -13.09
N THR A 30 4.92 4.52 -13.24
CA THR A 30 5.79 4.69 -14.38
C THR A 30 7.24 4.62 -13.91
N LEU A 31 8.00 3.66 -14.46
CA LEU A 31 9.42 3.51 -14.17
C LEU A 31 10.20 3.93 -15.40
N THR A 32 11.06 4.93 -15.25
CA THR A 32 11.80 5.52 -16.35
C THR A 32 13.29 5.36 -16.12
N CYS A 33 14.01 4.89 -17.14
CA CYS A 33 15.46 4.83 -17.14
C CYS A 33 15.98 5.69 -18.28
N SER A 34 16.98 6.52 -17.98
CA SER A 34 17.52 7.46 -18.96
C SER A 34 19.03 7.32 -19.02
N ALA A 35 19.58 7.42 -20.24
CA ALA A 35 21.01 7.41 -20.44
C ALA A 35 21.62 8.75 -20.04
N ALA A 36 22.89 8.71 -19.64
CA ALA A 36 23.57 9.92 -19.21
C ALA A 36 23.72 10.93 -20.35
N SER A 37 24.05 10.44 -21.54
CA SER A 37 24.26 11.27 -22.71
C SER A 37 23.47 10.70 -23.89
N PRO A 38 23.45 11.40 -25.02
CA PRO A 38 22.74 10.96 -26.22
C PRO A 38 23.41 9.77 -26.90
N TYR A 45 19.79 4.13 -29.07
CA TYR A 45 19.85 3.17 -27.98
C TYR A 45 18.75 2.12 -28.11
N GLN A 46 19.02 0.93 -27.57
CA GLN A 46 18.04 -0.15 -27.48
C GLN A 46 17.87 -0.54 -26.03
N TRP A 47 16.62 -0.79 -25.63
CA TRP A 47 16.28 -1.04 -24.24
C TRP A 47 15.58 -2.39 -24.10
N GLN A 48 15.89 -3.08 -23.00
CA GLN A 48 15.22 -4.32 -22.63
C GLN A 48 14.77 -4.22 -21.18
N TRP A 49 13.57 -4.70 -20.90
CA TRP A 49 12.98 -4.66 -19.56
C TRP A 49 12.77 -6.08 -19.06
N ARG A 50 13.11 -6.31 -17.79
CA ARG A 50 13.01 -7.61 -17.18
C ARG A 50 12.35 -7.49 -15.81
N ARG A 51 11.71 -8.58 -15.38
CA ARG A 51 11.19 -8.73 -14.02
C ARG A 51 11.83 -9.98 -13.43
N ASN A 52 12.73 -9.78 -12.48
CA ASN A 52 13.52 -10.88 -11.89
C ASN A 52 14.25 -11.67 -12.97
N GLY A 53 14.80 -10.94 -13.95
CA GLY A 53 15.58 -11.54 -15.01
C GLY A 53 14.80 -12.14 -16.15
N THR A 54 13.48 -12.03 -16.14
CA THR A 54 12.63 -12.60 -17.18
C THR A 54 12.14 -11.47 -18.09
N LEU A 55 12.31 -11.66 -19.40
CA LEU A 55 11.89 -10.64 -20.36
C LEU A 55 10.39 -10.39 -20.28
N LEU A 56 10.01 -9.12 -20.29
CA LEU A 56 8.60 -8.75 -20.20
C LEU A 56 7.91 -8.94 -21.54
N ASN A 58 4.75 -6.57 -24.33
CA ASN A 58 3.95 -6.97 -25.49
C ASN A 58 2.80 -7.89 -25.09
N THR A 59 3.16 -9.07 -24.56
CA THR A 59 2.16 -10.07 -24.21
C THR A 59 1.42 -9.73 -22.92
N HIS A 60 1.84 -8.71 -22.17
CA HIS A 60 1.31 -8.49 -20.83
C HIS A 60 -0.13 -7.96 -20.81
N THR A 61 -0.34 -6.77 -21.40
CA THR A 61 -1.46 -5.81 -21.43
C THR A 61 -1.56 -4.94 -20.17
N ARG A 62 -0.84 -5.25 -19.09
CA ARG A 62 -0.74 -4.32 -17.98
C ARG A 62 0.65 -3.74 -17.84
N PHE A 63 1.62 -4.30 -18.55
CA PHE A 63 2.99 -3.82 -18.60
C PHE A 63 3.21 -3.31 -20.02
N SER A 64 3.34 -1.99 -20.15
CA SER A 64 3.56 -1.35 -21.44
C SER A 64 4.89 -0.63 -21.43
N ILE A 65 5.68 -0.83 -22.48
CA ILE A 65 7.01 -0.24 -22.60
C ILE A 65 6.98 0.75 -23.77
N THR A 66 7.45 1.97 -23.52
CA THR A 66 7.46 3.02 -24.53
C THR A 66 8.83 3.68 -24.55
N PRO A 67 9.48 3.74 -25.71
CA PRO A 67 10.76 4.43 -25.81
C PRO A 67 10.58 5.94 -26.06
N SER A 68 11.66 6.68 -25.86
CA SER A 68 11.65 8.12 -26.08
C SER A 68 11.88 8.43 -27.56
N THR A 69 11.82 9.71 -27.89
CA THR A 69 12.02 10.16 -29.26
C THR A 69 13.48 10.49 -29.51
N THR A 71 15.38 7.99 -27.98
CA THR A 71 15.78 6.64 -27.56
C THR A 71 16.69 6.71 -26.34
N HIS A 72 17.01 7.92 -25.90
CA HIS A 72 17.88 8.10 -24.74
C HIS A 72 17.22 7.69 -23.43
N SER A 73 15.91 7.50 -23.42
CA SER A 73 15.20 7.06 -22.21
C SER A 73 14.13 6.07 -22.59
N SER A 74 13.80 5.19 -21.65
CA SER A 74 12.74 4.20 -21.83
C SER A 74 11.90 4.14 -20.56
N SER A 75 10.58 4.00 -20.75
CA SER A 75 9.65 4.01 -19.63
C SER A 75 8.79 2.75 -19.67
N LEU A 76 8.61 2.13 -18.52
CA LEU A 76 7.71 1.00 -18.35
C LEU A 76 6.53 1.44 -17.48
N VAL A 77 5.33 1.25 -17.99
CA VAL A 77 4.10 1.65 -17.30
C VAL A 77 3.35 0.38 -16.90
N ILE A 78 3.10 0.23 -15.61
CA ILE A 78 2.35 -0.89 -15.06
C ILE A 78 0.98 -0.37 -14.63
N SER A 79 -0.07 -0.87 -15.27
CA SER A 79 -1.43 -0.47 -14.99
C SER A 79 -2.16 -1.56 -14.22
N GLY A 80 -3.24 -1.17 -13.55
CA GLY A 80 -4.00 -2.10 -12.73
C GLY A 80 -3.16 -2.72 -11.65
N LEU A 81 -2.38 -1.90 -10.95
CA LEU A 81 -1.41 -2.39 -9.98
C LEU A 81 -2.10 -3.18 -8.86
N ARG A 82 -1.53 -4.34 -8.54
CA ARG A 82 -1.99 -5.17 -7.43
C ARG A 82 -0.77 -5.66 -6.67
N TYR A 83 -1.01 -6.16 -5.46
CA TYR A 83 0.09 -6.52 -4.56
C TYR A 83 1.04 -7.53 -5.18
N SER A 84 0.54 -8.39 -6.07
CA SER A 84 1.37 -9.43 -6.67
C SER A 84 2.31 -8.88 -7.73
N ASP A 85 2.19 -7.61 -8.10
CA ASP A 85 3.05 -7.02 -9.11
C ASP A 85 4.41 -6.60 -8.57
N ALA A 86 4.62 -6.71 -7.26
CA ALA A 86 5.90 -6.31 -6.67
C ALA A 86 7.02 -7.24 -7.13
N GLY A 87 8.16 -6.64 -7.46
CA GLY A 87 9.30 -7.41 -7.90
C GLY A 87 10.45 -6.50 -8.25
N ASP A 88 11.54 -7.11 -8.71
CA ASP A 88 12.72 -6.39 -9.15
C ASP A 88 12.61 -6.16 -10.66
N TYR A 89 12.43 -4.90 -11.05
CA TYR A 89 12.30 -4.53 -12.45
C TYR A 89 13.60 -3.92 -12.93
N MET A 90 14.16 -4.47 -14.00
CA MET A 90 15.47 -4.07 -14.49
C MET A 90 15.35 -3.55 -15.92
N CYS A 91 16.05 -2.45 -16.19
CA CYS A 91 16.14 -1.88 -17.52
C CYS A 91 17.58 -2.00 -18.01
N THR A 92 17.76 -2.61 -19.18
CA THR A 92 19.08 -2.81 -19.76
C THR A 92 19.20 -1.98 -21.03
N VAL A 93 20.24 -1.15 -21.10
CA VAL A 93 20.47 -0.27 -22.24
C VAL A 93 21.60 -0.83 -23.08
N GLU A 94 21.51 -0.61 -24.38
CA GLU A 94 22.54 -1.03 -25.31
C GLU A 94 22.47 -0.16 -26.56
N TYR A 95 23.56 -0.14 -27.31
CA TYR A 95 23.62 0.66 -28.53
C TYR A 95 22.84 0.00 -29.66
N THR A 108 29.76 -3.32 -23.02
CA THR A 108 29.03 -3.91 -21.92
C THR A 108 27.74 -3.15 -21.63
N PRO A 109 26.61 -3.86 -21.69
CA PRO A 109 25.33 -3.20 -21.41
C PRO A 109 25.24 -2.73 -19.97
N VAL A 110 24.47 -1.66 -19.77
CA VAL A 110 24.26 -1.07 -18.45
C VAL A 110 22.84 -1.38 -18.00
N THR A 111 22.70 -1.93 -16.80
CA THR A 111 21.41 -2.35 -16.28
C THR A 111 21.13 -1.60 -14.98
N GLY A 112 19.95 -1.00 -14.89
CA GLY A 112 19.47 -0.37 -13.67
C GLY A 112 18.33 -1.18 -13.09
N THR A 113 18.31 -1.28 -11.76
CA THR A 113 17.34 -2.13 -11.05
C THR A 113 16.47 -1.26 -10.17
N ILE A 114 15.16 -1.46 -10.27
CA ILE A 114 14.18 -0.77 -9.44
C ILE A 114 13.49 -1.81 -8.56
N HIS A 115 13.61 -1.65 -7.24
CA HIS A 115 12.99 -2.58 -6.29
C HIS A 115 11.61 -2.05 -5.92
N LEU A 116 10.64 -2.35 -6.80
CA LEU A 116 9.29 -1.84 -6.64
C LEU A 116 8.56 -2.66 -5.59
N GLU A 117 8.26 -2.03 -4.45
CA GLU A 117 7.52 -2.67 -3.37
C GLU A 117 6.18 -1.96 -3.20
N LEU A 118 5.15 -2.75 -2.92
CA LEU A 118 3.76 -2.26 -2.86
C LEU A 118 3.23 -2.39 -1.45
N PRO A 119 3.18 -1.31 -0.68
CA PRO A 119 2.81 -1.42 0.74
C PRO A 119 1.31 -1.49 0.94
N LEU A 120 0.93 -2.09 2.08
CA LEU A 120 -0.42 -2.06 2.59
C LEU A 120 -0.39 -1.32 3.93
N ILE A 121 -1.13 -0.23 4.03
CA ILE A 121 -1.10 0.63 5.20
C ILE A 121 -2.45 0.55 5.91
N VAL A 122 -2.41 0.31 7.22
CA VAL A 122 -3.61 0.29 8.05
C VAL A 122 -3.68 1.61 8.81
N GLU A 123 -4.91 2.08 9.04
CA GLU A 123 -5.15 3.32 9.77
C GLU A 123 -6.38 3.14 10.64
N VAL A 124 -6.26 3.48 11.92
CA VAL A 124 -7.36 3.41 12.86
C VAL A 124 -7.81 4.83 13.16
N ASP A 125 -9.02 5.17 12.75
CA ASP A 125 -9.58 6.50 12.94
C ASP A 125 -10.68 6.47 13.98
N SER A 126 -10.79 7.55 14.75
CA SER A 126 -11.75 7.65 15.84
C SER A 126 -12.78 8.73 15.55
N SER A 127 -14.02 8.46 15.92
CA SER A 127 -15.09 9.45 15.83
C SER A 127 -15.07 10.45 16.97
N GLY A 128 -14.23 10.25 17.99
CA GLY A 128 -14.29 11.04 19.18
C GLY A 128 -15.46 10.63 20.05
N LEU A 129 -15.68 11.40 21.10
CA LEU A 129 -16.82 11.16 21.99
C LEU A 129 -18.11 11.48 21.26
N VAL A 130 -19.02 10.50 21.22
CA VAL A 130 -20.31 10.64 20.52
C VAL A 130 -21.41 10.20 21.47
N VAL A 131 -22.46 11.00 21.56
CA VAL A 131 -23.60 10.70 22.43
C VAL A 131 -24.64 9.94 21.62
N ARG A 132 -24.96 8.71 22.04
CA ARG A 132 -25.98 7.89 21.41
C ARG A 132 -27.05 7.59 22.46
N GLU A 133 -28.23 8.18 22.29
CA GLU A 133 -29.36 7.97 23.18
C GLU A 133 -28.99 8.24 24.63
N GLY A 134 -28.27 9.35 24.86
CA GLY A 134 -27.89 9.75 26.19
C GLY A 134 -26.65 9.08 26.74
N SER A 135 -25.99 8.22 25.97
CA SER A 135 -24.79 7.52 26.40
C SER A 135 -23.62 7.87 25.49
N GLU A 136 -22.47 8.12 26.09
CA GLU A 136 -21.27 8.46 25.34
C GLU A 136 -20.62 7.19 24.80
N VAL A 137 -20.28 7.22 23.51
CA VAL A 137 -19.65 6.09 22.84
C VAL A 137 -18.46 6.58 22.03
N ILE A 138 -17.59 5.64 21.68
CA ILE A 138 -16.45 5.90 20.80
C ILE A 138 -16.45 4.83 19.72
N VAL A 139 -16.38 5.25 18.46
CA VAL A 139 -16.37 4.34 17.31
C VAL A 139 -15.01 4.43 16.65
N LEU A 140 -14.29 3.31 16.62
CA LEU A 140 -12.99 3.21 15.95
C LEU A 140 -13.17 2.46 14.64
N THR A 141 -12.66 3.02 13.56
CA THR A 141 -12.81 2.46 12.22
C THR A 141 -11.45 2.00 11.70
N CYS A 142 -11.35 0.74 11.31
CA CYS A 142 -10.14 0.17 10.73
C CYS A 142 -10.18 0.40 9.22
N GLU A 143 -9.31 1.26 8.73
CA GLU A 143 -9.25 1.59 7.31
C GLU A 143 -7.90 1.18 6.73
N VAL A 144 -7.91 0.82 5.45
CA VAL A 144 -6.70 0.44 4.74
C VAL A 144 -6.61 1.20 3.43
N TYR A 145 -5.39 1.35 2.95
CA TYR A 145 -5.14 1.90 1.62
C TYR A 145 -3.81 1.38 1.12
N GLY A 146 -3.61 1.47 -0.18
CA GLY A 146 -2.42 0.92 -0.80
C GLY A 146 -2.73 -0.31 -1.64
N TYR A 147 -2.11 -1.44 -1.32
CA TYR A 147 -2.24 -2.66 -2.11
C TYR A 147 -2.61 -3.82 -1.19
N PRO A 148 -3.90 -4.02 -0.94
CA PRO A 148 -4.32 -5.11 -0.05
C PRO A 148 -3.97 -6.47 -0.62
N ARG A 149 -3.73 -7.43 0.28
CA ARG A 149 -3.38 -8.78 -0.10
C ARG A 149 -4.47 -9.80 0.16
N ASP A 150 -5.47 -9.46 0.99
CA ASP A 150 -6.56 -10.38 1.34
C ASP A 150 -6.01 -11.68 1.92
N SER A 151 -4.97 -11.57 2.73
CA SER A 151 -4.33 -12.72 3.36
C SER A 151 -4.72 -12.91 4.81
N SER A 152 -5.23 -11.88 5.48
CA SER A 152 -5.63 -11.97 6.87
C SER A 152 -6.73 -10.96 7.16
N PRO A 153 -7.88 -11.41 7.68
CA PRO A 153 -8.99 -10.49 7.94
C PRO A 153 -8.64 -9.53 9.06
N PRO A 154 -9.28 -8.35 9.09
CA PRO A 154 -9.01 -7.40 10.18
C PRO A 154 -9.33 -8.02 11.53
N MET A 155 -8.41 -7.81 12.49
CA MET A 155 -8.55 -8.34 13.84
C MET A 155 -8.28 -7.22 14.84
N TRP A 156 -9.19 -7.05 15.78
CA TRP A 156 -9.06 -6.03 16.81
C TRP A 156 -8.40 -6.63 18.04
N SER A 157 -7.51 -5.86 18.68
CA SER A 157 -6.85 -6.30 19.89
C SER A 157 -6.55 -5.09 20.76
N SER A 158 -6.37 -5.35 22.05
CA SER A 158 -6.06 -4.30 23.03
C SER A 158 -5.37 -4.93 24.23
N PRO A 159 -4.18 -4.45 24.61
CA PRO A 159 -3.44 -5.08 25.72
C PRO A 159 -4.22 -5.05 27.01
N GLY A 160 -4.20 -6.17 27.74
CA GLY A 160 -4.90 -6.27 29.00
C GLY A 160 -6.39 -6.02 28.92
N ARG A 161 -7.00 -6.31 27.78
CA ARG A 161 -8.40 -5.98 27.55
C ARG A 161 -9.05 -7.09 26.73
N ASN A 162 -10.22 -7.55 27.18
CA ASN A 162 -11.00 -8.54 26.46
C ASN A 162 -12.03 -7.81 25.61
N LEU A 163 -11.81 -7.78 24.30
CA LEU A 163 -12.69 -7.07 23.39
C LEU A 163 -13.99 -7.83 23.12
N GLU A 164 -14.10 -9.07 23.58
CA GLU A 164 -15.33 -9.84 23.46
C GLU A 164 -16.31 -9.56 24.60
N SER A 165 -16.11 -8.47 25.33
CA SER A 165 -17.01 -8.09 26.41
C SER A 165 -18.23 -7.37 25.85
N GLY A 166 -19.25 -7.22 26.70
CA GLY A 166 -20.47 -6.56 26.28
C GLY A 166 -20.34 -5.09 26.01
N ARG A 167 -19.34 -4.43 26.60
CA ARG A 167 -19.14 -3.00 26.37
C ARG A 167 -18.56 -2.71 24.99
N PHE A 168 -18.07 -3.72 24.28
CA PHE A 168 -17.50 -3.55 22.95
C PHE A 168 -18.38 -4.25 21.92
N ASN A 169 -18.49 -3.65 20.74
CA ASN A 169 -19.18 -4.25 19.60
C ASN A 169 -18.29 -4.16 18.38
N ILE A 170 -18.06 -5.29 17.73
CA ILE A 170 -17.25 -5.37 16.52
C ILE A 170 -18.18 -5.64 15.35
N THR A 171 -18.15 -4.76 14.36
CA THR A 171 -18.99 -4.88 13.17
C THR A 171 -18.11 -4.95 11.94
N PRO A 172 -17.96 -6.11 11.30
CA PRO A 172 -17.17 -6.18 10.07
C PRO A 172 -17.86 -5.43 8.95
N ARG A 173 -17.03 -4.85 8.07
CA ARG A 173 -17.51 -4.14 6.88
C ARG A 173 -17.11 -4.98 5.67
N TYR A 174 -18.09 -5.68 5.10
CA TYR A 174 -17.83 -6.61 4.01
C TYR A 174 -17.65 -5.82 2.71
N THR A 175 -16.45 -5.87 2.16
CA THR A 175 -16.10 -5.17 0.95
C THR A 175 -15.81 -6.15 -0.18
N GLY A 176 -15.70 -5.62 -1.38
CA GLY A 176 -15.30 -6.43 -2.52
C GLY A 176 -13.85 -6.86 -2.41
N THR A 177 -13.47 -7.79 -3.29
CA THR A 177 -12.10 -8.28 -3.30
C THR A 177 -11.15 -7.15 -3.66
N LEU A 178 -10.26 -6.81 -2.72
CA LEU A 178 -9.31 -5.72 -2.90
C LEU A 178 -7.93 -6.19 -3.35
N SER A 179 -7.67 -7.49 -3.33
CA SER A 179 -6.34 -8.00 -3.67
C SER A 179 -6.04 -7.91 -5.17
N ASN A 180 -7.05 -7.66 -6.00
CA ASN A 180 -6.83 -7.55 -7.44
C ASN A 180 -6.64 -6.10 -7.89
N GLY A 181 -6.62 -5.15 -6.97
CA GLY A 181 -6.50 -3.74 -7.31
C GLY A 181 -5.75 -3.01 -6.23
N SER A 182 -5.99 -1.70 -6.14
CA SER A 182 -5.32 -0.82 -5.20
C SER A 182 -6.34 0.16 -4.62
N VAL A 183 -6.00 0.72 -3.46
CA VAL A 183 -6.85 1.65 -2.73
C VAL A 183 -6.07 2.94 -2.53
N SER A 184 -6.61 4.05 -3.05
CA SER A 184 -5.95 5.33 -2.94
C SER A 184 -6.00 5.86 -1.51
N SER A 185 -4.97 6.61 -1.14
CA SER A 185 -4.95 7.25 0.18
C SER A 185 -6.02 8.33 0.28
N SER A 186 -6.44 8.90 -0.84
CA SER A 186 -7.52 9.89 -0.84
C SER A 186 -8.90 9.26 -0.68
N ASP A 187 -9.01 7.94 -0.91
CA ASP A 187 -10.27 7.21 -0.77
C ASP A 187 -9.97 5.92 -0.02
N LYS A 188 -9.99 5.99 1.31
CA LYS A 188 -9.68 4.84 2.14
C LYS A 188 -10.90 3.95 2.31
N VAL A 189 -10.65 2.65 2.46
CA VAL A 189 -11.71 1.64 2.55
C VAL A 189 -11.81 1.19 4.00
N ALA A 190 -12.98 1.37 4.59
CA ALA A 190 -13.24 0.89 5.95
C ALA A 190 -13.47 -0.62 5.92
N LEU A 191 -12.79 -1.33 6.81
CA LEU A 191 -12.88 -2.80 6.87
C LEU A 191 -13.62 -3.30 8.10
N SER A 192 -13.49 -2.63 9.24
CA SER A 192 -14.17 -3.05 10.45
C SER A 192 -14.34 -1.85 11.35
N GLN A 193 -15.28 -1.96 12.29
CA GLN A 193 -15.56 -0.89 13.24
C GLN A 193 -15.72 -1.47 14.62
N LEU A 194 -15.03 -0.88 15.60
CA LEU A 194 -15.16 -1.27 17.00
C LEU A 194 -15.80 -0.13 17.76
N THR A 195 -16.93 -0.39 18.39
CA THR A 195 -17.65 0.60 19.17
C THR A 195 -17.48 0.30 20.65
N ILE A 196 -17.09 1.31 21.43
CA ILE A 196 -16.99 1.21 22.87
C ILE A 196 -18.18 1.94 23.48
N PHE A 197 -18.95 1.25 24.31
CA PHE A 197 -20.18 1.79 24.86
C PHE A 197 -19.96 2.27 26.30
N ASN A 198 -20.60 3.39 26.64
CA ASN A 198 -20.58 3.96 27.99
C ASN A 198 -19.14 4.22 28.44
N ILE A 199 -18.52 5.17 27.73
CA ILE A 199 -17.10 5.45 27.90
C ILE A 199 -16.78 5.79 29.35
N THR A 200 -15.74 5.16 29.88
CA THR A 200 -15.19 5.48 31.19
C THR A 200 -13.67 5.55 31.07
N VAL A 201 -13.01 5.91 32.17
CA VAL A 201 -11.56 5.97 32.18
C VAL A 201 -10.96 4.58 32.01
N ALA A 202 -11.65 3.54 32.45
CA ALA A 202 -11.15 2.18 32.33
C ALA A 202 -11.05 1.73 30.87
N ASP A 203 -11.69 2.45 29.95
CA ASP A 203 -11.61 2.10 28.53
C ASP A 203 -10.39 2.71 27.84
N GLU A 204 -9.57 3.47 28.56
CA GLU A 204 -8.40 4.09 27.95
C GLU A 204 -7.33 3.05 27.64
N GLY A 205 -6.54 3.35 26.60
CA GLY A 205 -5.48 2.45 26.18
C GLY A 205 -5.38 2.35 24.67
N GLU A 206 -4.47 1.51 24.19
CA GLU A 206 -4.26 1.32 22.77
C GLU A 206 -5.22 0.27 22.21
N TYR A 207 -5.75 0.55 21.02
CA TYR A 207 -6.62 -0.38 20.30
C TYR A 207 -6.03 -0.60 18.93
N LYS A 208 -5.67 -1.84 18.61
CA LYS A 208 -4.93 -2.17 17.41
C LYS A 208 -5.80 -2.99 16.47
N CYS A 209 -5.75 -2.66 15.18
CA CYS A 209 -6.37 -3.44 14.12
C CYS A 209 -5.27 -3.98 13.23
N SER A 210 -5.24 -5.31 13.04
CA SER A 210 -4.24 -5.98 12.22
C SER A 210 -4.91 -6.52 10.97
N VAL A 211 -4.40 -6.12 9.80
CA VAL A 211 -4.94 -6.55 8.51
C VAL A 211 -3.78 -6.96 7.61
N ASP A 212 -3.88 -8.16 7.03
CA ASP A 212 -2.98 -8.62 5.96
C ASP A 212 -1.52 -8.54 6.37
N GLY A 213 -1.23 -8.87 7.63
CA GLY A 213 0.13 -8.84 8.13
C GLY A 213 0.62 -7.48 8.56
N GLU A 214 -0.18 -6.43 8.39
CA GLU A 214 0.13 -5.10 8.87
C GLU A 214 -0.81 -4.73 10.01
N SER A 215 -0.52 -3.61 10.65
CA SER A 215 -1.33 -3.20 11.80
C SER A 215 -1.23 -1.70 12.01
N ALA A 216 -2.20 -1.17 12.74
CA ALA A 216 -2.21 0.22 13.17
C ALA A 216 -2.95 0.31 14.50
N SER A 217 -2.68 1.38 15.24
CA SER A 217 -3.24 1.51 16.59
C SER A 217 -3.76 2.93 16.79
N PHE A 218 -4.76 3.04 17.66
CA PHE A 218 -5.25 4.32 18.15
C PHE A 218 -5.34 4.25 19.67
N ARG A 219 -4.87 5.30 20.34
CA ARG A 219 -4.87 5.36 21.79
C ARG A 219 -6.07 6.15 22.28
N VAL A 220 -6.95 5.49 23.01
CA VAL A 220 -8.08 6.17 23.63
C VAL A 220 -7.59 6.86 24.89
N ASP A 221 -7.76 8.18 24.95
CA ASP A 221 -7.29 8.98 26.08
C ASP A 221 -8.29 10.09 26.32
N LEU A 222 -8.92 10.08 27.50
CA LEU A 222 -9.89 11.10 27.86
C LEU A 222 -9.25 12.36 28.42
N GLY A 223 -7.93 12.38 28.58
CA GLY A 223 -7.24 13.55 29.11
C GLY A 223 -7.21 14.71 28.13
C1 NAG B . 11.18 -11.22 -7.63
C2 NAG B . 10.04 -11.99 -7.02
C3 NAG B . 9.33 -11.12 -5.98
C4 NAG B . 10.33 -10.54 -4.98
C5 NAG B . 11.60 -9.99 -5.65
C6 NAG B . 12.72 -9.78 -4.66
C7 NAG B . 8.41 -11.69 -8.87
C8 NAG B . 7.51 -12.39 -9.83
N2 NAG B . 9.09 -12.47 -8.03
O3 NAG B . 8.35 -11.89 -5.29
O4 NAG B . 9.70 -9.44 -4.32
O5 NAG B . 12.12 -10.90 -6.64
O6 NAG B . 13.08 -11.01 -4.05
O7 NAG B . 8.53 -10.46 -8.88
C1 NAG B . 9.68 -9.54 -2.89
C2 NAG B . 9.66 -8.10 -2.37
C3 NAG B . 9.51 -8.08 -0.84
C4 NAG B . 8.31 -8.92 -0.42
C5 NAG B . 8.46 -10.33 -0.98
C6 NAG B . 7.30 -11.23 -0.64
C7 NAG B . 10.86 -6.47 -3.76
C8 NAG B . 9.57 -6.26 -4.47
N2 NAG B . 10.85 -7.37 -2.76
O3 NAG B . 9.33 -6.73 -0.41
O4 NAG B . 8.25 -8.96 1.00
O5 NAG B . 8.55 -10.26 -2.41
O6 NAG B . 6.13 -10.86 -1.36
O7 NAG B . 11.88 -5.87 -4.07
C1 BMA B . 7.09 -8.24 1.46
C2 BMA B . 7.05 -8.41 2.99
C3 BMA B . 5.87 -7.64 3.57
C4 BMA B . 5.88 -6.17 3.10
C5 BMA B . 5.96 -6.11 1.56
C6 BMA B . 6.06 -4.67 1.05
O2 BMA B . 8.23 -7.87 3.57
O3 BMA B . 5.89 -7.70 4.99
O4 BMA B . 4.69 -5.53 3.54
O5 BMA B . 7.12 -6.86 1.12
O6 BMA B . 6.89 -3.93 1.93
C1 MAN B . 4.82 -8.55 5.47
C2 MAN B . 4.72 -8.35 7.00
C3 MAN B . 5.91 -9.03 7.70
C4 MAN B . 6.03 -10.50 7.25
C5 MAN B . 6.19 -10.55 5.72
C6 MAN B . 6.27 -11.96 5.18
O2 MAN B . 3.55 -8.99 7.53
O3 MAN B . 5.80 -8.96 9.12
O4 MAN B . 7.18 -11.09 7.85
O5 MAN B . 5.04 -9.91 5.11
O6 MAN B . 4.96 -12.51 5.17
C1 MAN B . 6.57 -2.53 1.80
C2 MAN B . 7.81 -1.72 2.26
C3 MAN B . 8.01 -1.86 3.76
C4 MAN B . 6.72 -1.52 4.53
C5 MAN B . 5.57 -2.39 4.00
C6 MAN B . 4.23 -2.04 4.63
O2 MAN B . 7.63 -0.32 2.02
O3 MAN B . 9.08 -1.04 4.23
O4 MAN B . 6.91 -1.77 5.91
O5 MAN B . 5.43 -2.20 2.58
O6 MAN B . 3.21 -2.82 3.99
C1 FUC B . 13.83 -10.79 -2.84
C2 FUC B . 13.49 -11.96 -1.91
C3 FUC B . 13.94 -13.27 -2.57
C4 FUC B . 15.44 -13.22 -2.88
C5 FUC B . 15.76 -11.95 -3.70
C6 FUC B . 17.25 -11.71 -3.85
O2 FUC B . 12.12 -12.01 -1.56
O3 FUC B . 13.72 -14.37 -1.69
O4 FUC B . 16.18 -13.22 -1.67
O5 FUC B . 15.21 -10.76 -3.10
C1 NAG C . -24.94 1.99 29.12
C2 NAG C . -25.38 0.53 29.01
C3 NAG C . -26.88 0.45 28.72
C4 NAG C . -27.67 1.26 29.76
C5 NAG C . -27.14 2.68 29.83
C6 NAG C . -27.80 3.50 30.92
C7 NAG C . -23.92 -1.27 28.22
C8 NAG C . -23.20 -1.85 27.04
N2 NAG C . -24.62 -0.15 27.98
O3 NAG C . -27.29 -0.90 28.74
O4 NAG C . -29.05 1.28 29.40
O5 NAG C . -25.73 2.66 30.12
O6 NAG C . -27.40 3.07 32.21
O7 NAG C . -23.86 -1.77 29.33
C1 EDO D . -11.36 9.12 21.43
O1 EDO D . -10.94 9.91 20.32
C2 EDO D . -10.59 9.53 22.68
O2 EDO D . -9.18 9.29 22.48
C1 EDO E . -23.01 12.57 28.90
O1 EDO E . -22.77 11.49 29.81
C2 EDO E . -23.99 12.13 27.82
O2 EDO E . -25.20 11.69 28.43
C1 EDO F . -8.34 -6.81 3.41
O1 EDO F . -7.30 -7.02 2.45
C2 EDO F . -8.76 -8.16 4.00
O2 EDO F . -7.63 -8.79 4.62
C1 EDO G . -1.05 -7.83 26.23
O1 EDO G . -1.39 -7.60 24.86
C2 EDO G . -1.93 -8.93 26.81
O2 EDO G . -3.31 -8.56 26.66
C1 EDO H . -7.05 10.43 13.45
O1 EDO H . -6.29 9.33 13.95
C2 EDO H . -8.53 10.09 13.47
O2 EDO H . -8.91 9.72 14.80
S SO4 I . -16.02 0.43 34.32
O1 SO4 I . -17.41 0.45 34.76
O2 SO4 I . -15.19 1.16 35.26
O3 SO4 I . -15.92 1.07 33.00
O4 SO4 I . -15.55 -0.94 34.23
S SO4 J . -19.21 -5.49 30.58
O1 SO4 J . -19.23 -4.93 31.94
O2 SO4 J . -18.99 -6.92 30.65
O3 SO4 J . -20.50 -5.22 29.93
O4 SO4 J . -18.14 -4.86 29.81
#